data_7IIY
#
_entry.id   7IIY
#
_cell.length_a   88.736
_cell.length_b   88.736
_cell.length_c   39.569
_cell.angle_alpha   90.000
_cell.angle_beta   90.000
_cell.angle_gamma   90.000
#
_symmetry.space_group_name_H-M   'P 43'
#
loop_
_entity.id
_entity.type
_entity.pdbx_description
1 polymer 'Non-structural protein 3'
2 non-polymer '(3R)-3-(4-bromophenyl)-3-[(5-methyl-7H-pyrrolo[2,3-d]pyrimidine-4-carbonyl)amino]propanoic acid'
3 non-polymer '(3S)-3-(4-bromophenyl)-3-[(5-methyl-7H-pyrrolo[2,3-d]pyrimidine-4-carbonyl)amino]propanoic acid'
4 water water
#
_entity_poly.entity_id   1
_entity_poly.type   'polypeptide(L)'
_entity_poly.pdbx_seq_one_letter_code
;SMVNSFSGYLKLTDNVYIKNADIVEEAKKVKPTVVVNAANVYLKHGGGVAGALNKATNNAMQVESDDYIATNGPLKVGGS
CVLSGHNLAKHCLHVVGPNVNKGEDIQLLKSAYENFNQHEVLLAPLLSAGIFGADPIHSLRVCVDTVRTNVYLAVFDKNL
YDKLVSSFL
;
_entity_poly.pdbx_strand_id   A,B
#
loop_
_chem_comp.id
_chem_comp.type
_chem_comp.name
_chem_comp.formula
A1CJE non-polymer '(3R)-3-(4-bromophenyl)-3-[(5-methyl-7H-pyrrolo[2,3-d]pyrimidine-4-carbonyl)amino]propanoic acid' 'C17 H15 Br N4 O3'
A1CJF non-polymer '(3S)-3-(4-bromophenyl)-3-[(5-methyl-7H-pyrrolo[2,3-d]pyrimidine-4-carbonyl)amino]propanoic acid' 'C17 H15 Br N4 O3'
#
# COMPACT_ATOMS: atom_id res chain seq x y z
N VAL A 3 -9.20 -11.67 -19.40
N VAL A 3 -9.23 -11.70 -19.44
CA VAL A 3 -8.61 -10.96 -20.52
CA VAL A 3 -8.65 -10.95 -20.55
C VAL A 3 -8.83 -9.45 -20.35
C VAL A 3 -8.82 -9.45 -20.32
N ASN A 4 -7.76 -8.69 -20.58
CA ASN A 4 -7.81 -7.23 -20.52
C ASN A 4 -7.16 -6.65 -21.77
N SER A 5 -7.09 -5.31 -21.81
CA SER A 5 -6.81 -4.56 -23.03
C SER A 5 -5.35 -4.13 -23.17
N PHE A 6 -4.53 -4.42 -22.16
N PHE A 6 -4.47 -4.44 -22.23
CA PHE A 6 -3.11 -4.10 -22.20
CA PHE A 6 -3.11 -3.93 -22.35
C PHE A 6 -2.43 -4.94 -23.26
C PHE A 6 -2.39 -4.54 -23.55
N SER A 7 -1.62 -4.30 -24.10
N SER A 7 -1.59 -3.71 -24.23
CA SER A 7 -1.03 -4.94 -25.27
CA SER A 7 -1.04 -4.02 -25.54
C SER A 7 0.47 -4.72 -25.30
C SER A 7 0.48 -4.05 -25.48
N GLY A 8 1.20 -5.73 -25.78
N GLY A 8 1.07 -5.13 -26.00
CA GLY A 8 2.62 -5.57 -26.01
CA GLY A 8 2.50 -5.22 -26.16
C GLY A 8 3.50 -5.62 -24.78
C GLY A 8 3.28 -5.46 -24.89
N TYR A 9 2.99 -6.15 -23.68
N TYR A 9 2.62 -5.82 -23.79
CA TYR A 9 3.76 -6.27 -22.45
CA TYR A 9 3.32 -5.99 -22.53
C TYR A 9 4.54 -7.57 -22.43
C TYR A 9 3.96 -7.37 -22.44
N LEU A 10 5.74 -7.50 -21.88
N LEU A 10 5.08 -7.44 -21.71
CA LEU A 10 6.51 -8.69 -21.54
CA LEU A 10 5.86 -8.64 -21.53
C LEU A 10 6.04 -9.19 -20.18
C LEU A 10 5.65 -9.23 -20.15
N LYS A 11 5.78 -10.48 -20.08
N LYS A 11 5.33 -10.52 -20.08
CA LYS A 11 5.35 -11.08 -18.82
CA LYS A 11 5.05 -11.21 -18.82
C LYS A 11 6.59 -11.40 -18.00
C LYS A 11 6.36 -11.45 -18.09
N LEU A 12 6.67 -10.86 -16.79
N LEU A 12 6.76 -10.48 -17.26
CA LEU A 12 7.80 -11.15 -15.92
CA LEU A 12 7.95 -10.67 -16.44
C LEU A 12 7.49 -12.25 -14.93
C LEU A 12 7.75 -11.79 -15.43
N THR A 13 6.29 -12.26 -14.38
N THR A 13 6.69 -11.71 -14.64
CA THR A 13 5.86 -13.25 -13.40
CA THR A 13 6.34 -12.76 -13.69
C THR A 13 4.39 -13.56 -13.63
C THR A 13 4.89 -13.15 -13.96
N ASP A 14 3.82 -14.35 -12.72
N ASP A 14 4.28 -13.86 -13.02
CA ASP A 14 2.39 -14.65 -12.77
CA ASP A 14 2.91 -14.32 -13.16
C ASP A 14 1.55 -13.38 -12.88
C ASP A 14 1.86 -13.23 -13.02
N ASN A 15 1.96 -12.31 -12.18
N ASN A 15 2.26 -12.03 -12.56
CA ASN A 15 1.10 -11.14 -12.03
CA ASN A 15 1.32 -10.91 -12.48
C ASN A 15 1.75 -9.82 -12.44
C ASN A 15 1.94 -9.58 -12.87
N VAL A 16 3.00 -9.80 -12.86
N VAL A 16 3.24 -9.50 -13.09
CA VAL A 16 3.73 -8.57 -13.18
CA VAL A 16 3.90 -8.25 -13.46
C VAL A 16 4.13 -8.58 -14.66
C VAL A 16 4.20 -8.30 -14.95
N TYR A 17 3.85 -7.47 -15.32
N TYR A 17 3.60 -7.36 -15.67
CA TYR A 17 4.11 -7.26 -16.73
CA TYR A 17 3.76 -7.21 -17.11
C TYR A 17 4.83 -5.93 -16.90
C TYR A 17 4.41 -5.86 -17.35
N ILE A 18 5.63 -5.80 -17.97
N ILE A 18 5.26 -5.75 -18.37
CA ILE A 18 6.46 -4.61 -18.18
CA ILE A 18 6.09 -4.55 -18.54
C ILE A 18 6.52 -4.27 -19.66
C ILE A 18 6.15 -4.14 -20.01
N LYS A 19 6.59 -2.98 -19.96
N LYS A 19 6.32 -2.83 -20.21
CA LYS A 19 6.58 -2.48 -21.34
CA LYS A 19 6.42 -2.28 -21.54
C LYS A 19 7.27 -1.13 -21.41
C LYS A 19 7.28 -1.02 -21.48
N ASN A 20 8.07 -0.92 -22.47
N ASN A 20 7.86 -0.66 -22.62
CA ASN A 20 8.63 0.40 -22.76
CA ASN A 20 8.64 0.57 -22.75
C ASN A 20 7.52 1.29 -23.31
C ASN A 20 7.75 1.61 -23.44
N ALA A 21 7.04 2.24 -22.50
N ALA A 21 6.93 2.29 -22.63
CA ALA A 21 5.92 3.07 -22.91
CA ALA A 21 5.94 3.21 -23.17
C ALA A 21 5.90 4.34 -22.09
C ALA A 21 5.65 4.33 -22.18
N ASP A 22 5.31 5.39 -22.67
N ASP A 22 5.04 5.39 -22.70
CA ASP A 22 4.98 6.62 -21.98
CA ASP A 22 4.63 6.56 -21.92
C ASP A 22 3.66 6.39 -21.25
C ASP A 22 3.31 6.23 -21.20
N ILE A 23 3.70 6.38 -19.92
N ILE A 23 3.30 6.38 -19.88
CA ILE A 23 2.51 6.06 -19.13
CA ILE A 23 2.12 6.00 -19.11
C ILE A 23 1.34 6.97 -19.47
C ILE A 23 0.91 6.85 -19.48
N VAL A 24 1.63 8.22 -19.87
N VAL A 24 1.15 8.10 -19.90
CA VAL A 24 0.56 9.13 -20.28
CA VAL A 24 0.04 8.94 -20.34
C VAL A 24 -0.15 8.58 -21.51
C VAL A 24 -0.59 8.40 -21.62
N GLU A 25 0.63 8.25 -22.55
N GLU A 25 0.23 7.90 -22.55
CA GLU A 25 0.03 7.73 -23.79
CA GLU A 25 -0.30 7.32 -23.77
C GLU A 25 -0.63 6.38 -23.55
C GLU A 25 -0.95 5.96 -23.50
N GLU A 26 -0.04 5.56 -22.68
N GLU A 26 -0.33 5.15 -22.63
CA GLU A 26 -0.64 4.26 -22.39
CA GLU A 26 -0.96 3.90 -22.24
C GLU A 26 -2.01 4.43 -21.75
C GLU A 26 -2.28 4.14 -21.53
N ALA A 27 -2.12 5.35 -20.78
N ALA A 27 -2.33 5.16 -20.68
CA ALA A 27 -3.40 5.53 -20.08
CA ALA A 27 -3.58 5.51 -20.02
C ALA A 27 -4.49 6.02 -21.03
C ALA A 27 -4.59 6.08 -21.00
N LYS A 28 -4.17 6.98 -21.90
CA LYS A 28 -5.13 7.51 -22.85
C LYS A 28 -5.65 6.43 -23.78
N LYS A 29 -4.85 5.40 -24.04
N LYS A 29 -4.85 5.40 -24.06
CA LYS A 29 -5.25 4.32 -24.95
CA LYS A 29 -5.28 4.33 -24.96
C LYS A 29 -6.11 3.28 -24.25
C LYS A 29 -6.15 3.32 -24.22
N VAL A 30 -5.70 2.85 -23.06
CA VAL A 30 -6.39 1.76 -22.38
C VAL A 30 -7.56 2.25 -21.52
N LYS A 31 -7.47 3.45 -20.95
CA LYS A 31 -8.41 3.92 -19.95
C LYS A 31 -8.56 2.89 -18.82
N PRO A 32 -7.47 2.56 -18.14
CA PRO A 32 -7.54 1.53 -17.11
C PRO A 32 -8.40 1.96 -15.95
N THR A 33 -8.84 0.98 -15.17
CA THR A 33 -9.55 1.28 -13.93
C THR A 33 -8.69 2.13 -13.00
N VAL A 34 -7.40 1.82 -12.92
CA VAL A 34 -6.48 2.51 -12.01
C VAL A 34 -5.18 2.81 -12.75
N VAL A 35 -4.81 4.09 -12.79
CA VAL A 35 -3.45 4.51 -13.10
C VAL A 35 -2.79 4.98 -11.82
N VAL A 36 -1.54 4.57 -11.61
CA VAL A 36 -0.78 4.97 -10.45
C VAL A 36 0.03 6.21 -10.78
N ASN A 37 -0.02 7.20 -9.89
CA ASN A 37 0.85 8.36 -9.95
C ASN A 37 1.98 8.22 -8.93
N ALA A 38 3.18 8.60 -9.38
N ALA A 38 3.20 8.58 -9.33
CA ALA A 38 4.37 8.77 -8.55
CA ALA A 38 4.31 8.57 -8.37
C ALA A 38 4.26 10.10 -7.82
C ALA A 38 4.39 9.95 -7.75
N ALA A 39 3.47 10.09 -6.75
N ALA A 39 3.67 10.11 -6.63
CA ALA A 39 3.13 11.29 -6.02
CA ALA A 39 3.39 11.41 -6.04
C ALA A 39 4.17 11.62 -4.96
C ALA A 39 4.32 11.70 -4.87
N ASN A 40 4.09 12.86 -4.46
N ASN A 40 4.32 12.97 -4.46
CA ASN A 40 4.74 13.26 -3.23
CA ASN A 40 4.87 13.37 -3.18
C ASN A 40 3.68 13.58 -2.17
C ASN A 40 3.73 13.56 -2.18
N VAL A 41 4.11 13.74 -0.91
CA VAL A 41 3.16 13.85 0.19
C VAL A 41 2.24 15.04 0.06
N TYR A 42 2.64 16.08 -0.67
CA TYR A 42 1.85 17.28 -0.84
C TYR A 42 0.97 17.24 -2.08
N LEU A 43 1.04 16.16 -2.85
CA LEU A 43 0.36 16.05 -4.14
C LEU A 43 0.66 17.25 -5.02
N LYS A 44 1.91 17.70 -5.01
N LYS A 44 1.89 17.73 -4.97
CA LYS A 44 2.38 18.75 -5.91
CA LYS A 44 2.33 18.85 -5.83
C LYS A 44 2.98 18.06 -7.13
C LYS A 44 2.95 18.25 -7.09
N HIS A 45 2.25 18.08 -8.24
N HIS A 45 2.19 18.28 -8.17
CA HIS A 45 2.59 17.27 -9.41
CA HIS A 45 2.56 17.54 -9.39
C HIS A 45 3.43 18.09 -10.39
C HIS A 45 3.29 18.47 -10.35
N GLY A 46 4.69 18.33 -10.00
N GLY A 46 4.51 18.85 -9.96
CA GLY A 46 5.54 19.27 -10.72
CA GLY A 46 5.28 19.78 -10.75
C GLY A 46 6.35 18.73 -11.88
C GLY A 46 6.09 19.16 -11.88
N GLY A 47 6.76 17.47 -11.79
N GLY A 47 6.68 18.00 -11.61
CA GLY A 47 7.66 16.90 -12.78
CA GLY A 47 7.54 17.35 -12.58
C GLY A 47 7.63 15.39 -12.68
C GLY A 47 7.48 15.83 -12.47
N GLY A 48 8.47 14.75 -13.49
N GLY A 48 8.35 15.15 -13.20
CA GLY A 48 8.46 13.31 -13.55
CA GLY A 48 8.31 13.70 -13.23
C GLY A 48 7.12 12.79 -14.03
C GLY A 48 7.01 13.17 -13.82
N VAL A 49 6.77 11.60 -13.55
N VAL A 49 6.72 11.90 -13.50
CA VAL A 49 5.48 11.02 -13.88
CA VAL A 49 5.48 11.28 -13.95
C VAL A 49 4.35 11.96 -13.48
C VAL A 49 4.27 12.04 -13.44
N ALA A 50 4.41 12.48 -12.26
N ALA A 50 4.35 12.62 -12.23
CA ALA A 50 3.30 13.29 -11.75
CA ALA A 50 3.23 13.39 -11.70
C ALA A 50 3.10 14.54 -12.60
C ALA A 50 2.94 14.60 -12.55
N GLY A 51 4.20 15.22 -12.94
N GLY A 51 3.96 15.39 -12.87
CA GLY A 51 4.07 16.40 -13.76
CA GLY A 51 3.77 16.52 -13.76
C GLY A 51 3.45 16.08 -15.11
C GLY A 51 3.26 16.10 -15.12
N ALA A 52 3.87 14.96 -15.72
N ALA A 52 3.67 14.92 -15.59
CA ALA A 52 3.35 14.58 -17.03
CA ALA A 52 3.22 14.41 -16.88
C ALA A 52 1.87 14.20 -16.96
C ALA A 52 1.75 14.01 -16.83
N LEU A 53 1.49 13.39 -15.97
N LEU A 53 1.35 13.22 -15.84
CA LEU A 53 0.08 13.01 -15.84
CA LEU A 53 -0.07 12.90 -15.68
C LEU A 53 -0.79 14.25 -15.62
C LEU A 53 -0.89 14.16 -15.48
N ASN A 54 -0.38 15.11 -14.70
CA ASN A 54 -1.17 16.30 -14.41
C ASN A 54 -1.32 17.17 -15.67
N LYS A 55 -0.24 17.35 -16.41
N LYS A 55 -0.24 17.34 -16.41
CA LYS A 55 -0.30 18.12 -17.65
CA LYS A 55 -0.30 18.13 -17.65
C LYS A 55 -1.33 17.53 -18.59
C LYS A 55 -1.33 17.53 -18.60
N ALA A 56 -1.38 16.20 -18.70
CA ALA A 56 -2.34 15.54 -19.58
C ALA A 56 -3.78 15.75 -19.15
N THR A 57 -4.03 16.04 -17.87
CA THR A 57 -5.38 16.38 -17.39
C THR A 57 -5.67 17.88 -17.45
N ASN A 58 -4.79 18.66 -18.09
CA ASN A 58 -4.99 20.10 -18.18
C ASN A 58 -5.06 20.76 -16.80
N ASN A 59 -4.29 20.22 -15.85
CA ASN A 59 -4.17 20.71 -14.47
C ASN A 59 -5.37 20.34 -13.59
N ALA A 60 -6.35 19.59 -14.10
CA ALA A 60 -7.47 19.19 -13.26
C ALA A 60 -7.02 18.29 -12.10
N MET A 61 -6.02 17.43 -12.35
CA MET A 61 -5.47 16.61 -11.27
C MET A 61 -4.94 17.49 -10.14
N GLN A 62 -4.22 18.55 -10.47
CA GLN A 62 -3.67 19.43 -9.44
C GLN A 62 -4.78 20.14 -8.66
N VAL A 63 -5.81 20.63 -9.36
CA VAL A 63 -6.92 21.30 -8.70
C VAL A 63 -7.59 20.37 -7.70
N GLU A 64 -7.88 19.13 -8.13
CA GLU A 64 -8.49 18.17 -7.23
C GLU A 64 -7.57 17.84 -6.06
N SER A 65 -6.27 17.72 -6.34
CA SER A 65 -5.30 17.39 -5.30
C SER A 65 -5.19 18.48 -4.26
N ASP A 66 -5.22 19.74 -4.68
CA ASP A 66 -5.12 20.85 -3.73
C ASP A 66 -6.31 20.84 -2.78
N ASP A 67 -7.49 20.54 -3.30
CA ASP A 67 -8.65 20.41 -2.41
C ASP A 67 -8.48 19.25 -1.45
N TYR A 68 -7.95 18.11 -1.93
CA TYR A 68 -7.72 16.96 -1.06
C TYR A 68 -6.79 17.32 0.09
N ILE A 69 -5.68 18.00 -0.21
CA ILE A 69 -4.70 18.34 0.83
C ILE A 69 -5.29 19.37 1.80
N ALA A 70 -6.03 20.35 1.28
CA ALA A 70 -6.63 21.33 2.16
C ALA A 70 -7.55 20.68 3.17
N THR A 71 -8.21 19.59 2.80
CA THR A 71 -9.14 18.90 3.70
C THR A 71 -8.41 17.92 4.62
N ASN A 72 -7.45 17.17 4.09
CA ASN A 72 -6.92 16.00 4.76
C ASN A 72 -5.48 16.13 5.23
N GLY A 73 -4.75 17.14 4.77
CA GLY A 73 -3.34 17.22 5.06
C GLY A 73 -2.53 16.28 4.21
N PRO A 74 -1.21 16.34 4.37
CA PRO A 74 -0.32 15.54 3.52
C PRO A 74 -0.47 14.04 3.73
N LEU A 75 -0.12 13.30 2.69
CA LEU A 75 0.03 11.85 2.80
C LEU A 75 1.27 11.52 3.62
N LYS A 76 1.40 10.24 3.96
CA LYS A 76 2.62 9.67 4.52
C LYS A 76 3.50 9.14 3.39
N VAL A 77 4.83 9.23 3.57
CA VAL A 77 5.70 8.47 2.69
C VAL A 77 5.41 6.99 2.88
N GLY A 78 5.19 6.29 1.77
CA GLY A 78 4.71 4.92 1.77
C GLY A 78 3.21 4.81 1.66
N GLY A 79 2.47 5.92 1.75
CA GLY A 79 1.03 5.91 1.72
C GLY A 79 0.46 6.27 0.36
N SER A 80 -0.87 6.37 0.32
CA SER A 80 -1.55 6.60 -0.94
C SER A 80 -2.93 7.19 -0.69
N CYS A 81 -3.52 7.72 -1.75
CA CYS A 81 -4.94 8.05 -1.76
C CYS A 81 -5.48 7.78 -3.15
N VAL A 82 -6.79 7.52 -3.22
CA VAL A 82 -7.49 7.32 -4.48
C VAL A 82 -8.23 8.60 -4.83
N LEU A 83 -7.94 9.14 -6.00
CA LEU A 83 -8.63 10.31 -6.52
C LEU A 83 -9.12 9.99 -7.93
N SER A 84 -9.71 10.98 -8.59
CA SER A 84 -10.19 10.76 -9.95
C SER A 84 -9.04 10.47 -10.91
N GLY A 85 -9.32 9.66 -11.92
CA GLY A 85 -8.40 9.49 -13.02
C GLY A 85 -8.61 10.48 -14.15
N HIS A 86 -9.60 11.35 -14.03
CA HIS A 86 -9.84 12.41 -15.02
C HIS A 86 -10.01 11.78 -16.39
N ASN A 87 -9.36 12.28 -17.42
CA ASN A 87 -9.47 11.76 -18.78
C ASN A 87 -8.52 10.59 -19.04
N LEU A 88 -7.79 10.13 -18.03
CA LEU A 88 -6.77 9.10 -18.22
C LEU A 88 -7.18 7.71 -17.75
N ALA A 89 -8.07 7.62 -16.77
CA ALA A 89 -8.40 6.37 -16.10
C ALA A 89 -9.64 6.63 -15.28
N LYS A 90 -10.27 5.56 -14.79
CA LYS A 90 -11.36 5.77 -13.84
C LYS A 90 -10.85 6.44 -12.57
N HIS A 91 -9.80 5.87 -11.99
CA HIS A 91 -9.21 6.35 -10.76
C HIS A 91 -7.72 6.56 -10.94
N CYS A 92 -7.18 7.48 -10.16
CA CYS A 92 -5.73 7.60 -9.99
C CYS A 92 -5.39 7.26 -8.55
N LEU A 93 -4.53 6.25 -8.38
CA LEU A 93 -3.95 5.91 -7.09
C LEU A 93 -2.65 6.69 -6.95
N HIS A 94 -2.66 7.74 -6.13
CA HIS A 94 -1.46 8.53 -5.85
C HIS A 94 -0.67 7.81 -4.78
N VAL A 95 0.52 7.32 -5.11
CA VAL A 95 1.33 6.53 -4.20
C VAL A 95 2.63 7.28 -3.96
N VAL A 96 3.03 7.43 -2.71
CA VAL A 96 4.25 8.14 -2.34
C VAL A 96 5.34 7.12 -2.04
N GLY A 97 6.25 6.93 -2.97
CA GLY A 97 7.46 6.20 -2.68
C GLY A 97 8.48 7.13 -2.06
N PRO A 98 9.44 6.56 -1.34
N PRO A 98 9.50 6.58 -1.41
CA PRO A 98 10.50 7.40 -0.75
CA PRO A 98 10.56 7.43 -0.86
C PRO A 98 11.34 8.07 -1.81
C PRO A 98 11.34 8.15 -1.95
N ASN A 99 11.69 9.33 -1.56
N ASN A 99 11.62 9.43 -1.72
CA ASN A 99 12.57 10.10 -2.42
CA ASN A 99 12.47 10.24 -2.59
C ASN A 99 13.97 10.04 -1.82
C ASN A 99 13.86 10.28 -1.98
N VAL A 100 14.90 9.43 -2.58
N VAL A 100 14.72 9.35 -2.44
CA VAL A 100 16.28 9.32 -2.12
CA VAL A 100 16.08 9.24 -1.93
C VAL A 100 16.94 10.70 -2.11
C VAL A 100 16.83 10.56 -2.10
N ASN A 101 16.56 11.57 -3.02
N ASN A 101 16.56 11.31 -3.17
CA ASN A 101 17.10 12.92 -3.02
CA ASN A 101 17.24 12.58 -3.38
C ASN A 101 16.52 13.78 -1.88
C ASN A 101 16.82 13.64 -2.36
N LYS A 102 15.72 13.18 -0.99
N LYS A 102 15.69 13.44 -1.70
CA LYS A 102 15.30 13.80 0.26
CA LYS A 102 15.26 14.30 -0.60
C LYS A 102 15.76 13.02 1.48
C LYS A 102 15.71 13.76 0.76
N GLY A 103 16.48 11.91 1.31
N GLY A 103 16.48 12.68 0.79
CA GLY A 103 16.98 11.15 2.44
CA GLY A 103 16.95 12.14 2.05
C GLY A 103 16.02 10.15 3.04
C GLY A 103 15.98 11.20 2.73
N GLU A 104 14.96 9.78 2.33
N GLU A 104 14.97 10.71 2.01
CA GLU A 104 13.90 8.96 2.91
CA GLU A 104 13.98 9.83 2.60
C GLU A 104 14.24 7.48 2.83
C GLU A 104 14.44 8.37 2.51
N ASP A 105 13.78 6.74 3.83
N ASP A 105 13.82 7.52 3.33
CA ASP A 105 14.17 5.35 4.04
CA ASP A 105 14.31 6.18 3.59
C ASP A 105 13.68 4.47 2.88
C ASP A 105 13.81 5.22 2.51
N ILE A 106 14.62 3.82 2.20
N ILE A 106 14.75 4.55 1.84
CA ILE A 106 14.26 3.00 1.05
CA ILE A 106 14.42 3.62 0.76
C ILE A 106 13.42 1.79 1.46
C ILE A 106 13.63 2.41 1.25
N GLN A 107 13.49 1.36 2.72
N GLN A 107 13.73 2.08 2.54
CA GLN A 107 12.61 0.31 3.20
CA GLN A 107 13.02 0.91 3.04
C GLN A 107 11.14 0.68 3.03
C GLN A 107 11.50 1.07 2.95
N LEU A 108 10.84 1.98 2.97
N LEU A 108 11.00 2.30 2.83
CA LEU A 108 9.47 2.43 2.73
CA LEU A 108 9.56 2.51 2.71
C LEU A 108 8.99 2.10 1.33
C LEU A 108 9.02 2.14 1.33
N LEU A 109 9.89 1.70 0.42
CA LEU A 109 9.43 1.34 -0.92
C LEU A 109 8.48 0.14 -0.88
N LYS A 110 8.75 -0.84 -0.03
CA LYS A 110 7.84 -1.98 0.07
C LYS A 110 6.45 -1.53 0.53
N SER A 111 6.40 -0.69 1.56
CA SER A 111 5.12 -0.16 2.02
C SER A 111 4.38 0.55 0.90
N ALA A 112 5.11 1.32 0.09
CA ALA A 112 4.48 2.02 -1.04
C ALA A 112 3.84 1.03 -2.00
N TYR A 113 4.58 -0.02 -2.38
CA TYR A 113 4.02 -1.00 -3.31
C TYR A 113 2.85 -1.77 -2.72
N GLU A 114 2.79 -1.93 -1.38
CA GLU A 114 1.65 -2.64 -0.78
C GLU A 114 0.33 -1.98 -1.12
N ASN A 115 0.32 -0.67 -1.36
CA ASN A 115 -0.92 -0.02 -1.75
C ASN A 115 -1.50 -0.61 -3.02
N PHE A 116 -0.66 -1.14 -3.91
CA PHE A 116 -1.17 -1.71 -5.16
C PHE A 116 -2.08 -2.90 -4.90
N ASN A 117 -1.89 -3.62 -3.78
CA ASN A 117 -2.63 -4.85 -3.52
C ASN A 117 -4.10 -4.58 -3.25
N GLN A 118 -4.49 -3.33 -3.06
CA GLN A 118 -5.90 -2.99 -2.86
C GLN A 118 -6.66 -2.84 -4.16
N HIS A 119 -6.00 -3.10 -5.30
CA HIS A 119 -6.61 -2.95 -6.62
C HIS A 119 -6.27 -4.15 -7.49
N GLU A 120 -7.28 -4.74 -8.12
CA GLU A 120 -7.07 -6.00 -8.83
C GLU A 120 -6.15 -5.85 -10.03
N VAL A 121 -6.21 -4.71 -10.72
CA VAL A 121 -5.41 -4.44 -11.92
C VAL A 121 -5.00 -2.98 -11.91
N LEU A 122 -3.73 -2.69 -12.24
CA LEU A 122 -3.23 -1.32 -12.26
C LEU A 122 -2.22 -1.12 -13.37
N LEU A 123 -2.25 0.08 -13.95
N LEU A 123 -2.21 0.10 -13.91
CA LEU A 123 -1.14 0.61 -14.76
CA LEU A 123 -1.18 0.61 -14.82
C LEU A 123 -0.27 1.46 -13.84
C LEU A 123 -0.31 1.57 -14.04
N ALA A 124 1.05 1.26 -13.88
N ALA A 124 0.99 1.33 -13.99
CA ALA A 124 1.89 1.89 -12.86
CA ALA A 124 1.84 2.04 -13.05
C ALA A 124 3.29 2.16 -13.38
C ALA A 124 3.21 2.36 -13.65
N PRO A 125 3.96 3.18 -12.84
N PRO A 125 3.88 3.39 -13.12
CA PRO A 125 5.39 3.37 -13.03
CA PRO A 125 5.31 3.58 -13.36
C PRO A 125 6.14 2.62 -11.94
C PRO A 125 6.12 2.84 -12.31
N LEU A 126 7.44 2.46 -12.14
N LEU A 126 7.45 2.86 -12.45
CA LEU A 126 8.28 1.98 -11.06
CA LEU A 126 8.34 2.22 -11.49
C LEU A 126 8.39 3.06 -9.97
C LEU A 126 8.59 3.17 -10.33
N LEU A 127 8.01 2.69 -8.76
N LEU A 127 8.09 2.82 -9.14
CA LEU A 127 8.02 3.66 -7.66
CA LEU A 127 8.13 3.74 -8.01
C LEU A 127 9.45 4.00 -7.26
C LEU A 127 9.56 4.07 -7.59
N SER A 128 9.64 5.27 -6.91
N SER A 128 9.76 5.33 -7.24
CA SER A 128 10.91 5.82 -6.46
CA SER A 128 10.99 5.86 -6.65
C SER A 128 11.95 5.90 -7.59
C SER A 128 12.18 5.83 -7.60
N ALA A 129 11.59 5.57 -8.83
N ALA A 129 11.98 5.47 -8.86
CA ALA A 129 12.52 5.67 -9.95
CA ALA A 129 13.04 5.54 -9.86
C ALA A 129 12.56 7.11 -10.47
C ALA A 129 13.18 6.98 -10.35
N GLY A 130 13.34 7.33 -11.52
N GLY A 130 14.00 7.18 -11.38
CA GLY A 130 13.41 8.65 -12.11
CA GLY A 130 14.15 8.49 -11.97
C GLY A 130 13.92 9.65 -11.09
C GLY A 130 14.63 9.50 -10.96
N ILE A 131 13.24 10.81 -11.03
N ILE A 131 13.92 10.64 -10.90
CA ILE A 131 13.70 11.90 -10.18
CA ILE A 131 14.34 11.79 -10.10
C ILE A 131 13.54 11.61 -8.69
C ILE A 131 14.10 11.55 -8.62
N PHE A 132 12.92 10.50 -8.31
N PHE A 132 13.54 10.40 -8.25
CA PHE A 132 12.91 10.09 -6.91
CA PHE A 132 13.42 10.04 -6.84
C PHE A 132 14.21 9.41 -6.49
C PHE A 132 14.68 9.35 -6.30
N GLY A 133 15.12 9.11 -7.42
N GLY A 133 15.61 8.93 -7.17
CA GLY A 133 16.49 8.82 -7.10
CA GLY A 133 16.95 8.60 -6.75
C GLY A 133 16.84 7.39 -6.73
C GLY A 133 17.20 7.21 -6.24
N ALA A 134 15.86 6.48 -6.66
N ALA A 134 16.24 6.30 -6.31
CA ALA A 134 16.18 5.10 -6.32
CA ALA A 134 16.45 4.93 -5.87
C ALA A 134 16.65 4.32 -7.54
C ALA A 134 16.98 4.06 -7.01
N ASP A 135 17.26 3.17 -7.28
N ASP A 135 17.52 2.91 -6.64
CA ASP A 135 17.71 2.26 -8.35
CA ASP A 135 18.02 1.95 -7.62
C ASP A 135 16.48 1.57 -8.96
C ASP A 135 16.84 1.33 -8.37
N PRO A 136 16.20 1.78 -10.26
N PRO A 136 16.71 1.52 -9.68
CA PRO A 136 14.99 1.16 -10.83
CA PRO A 136 15.53 0.96 -10.37
C PRO A 136 15.03 -0.36 -10.87
C PRO A 136 15.50 -0.56 -10.39
N ILE A 137 16.21 -0.96 -10.97
N ILE A 137 16.64 -1.23 -10.49
CA ILE A 137 16.31 -2.41 -10.88
CA ILE A 137 16.65 -2.69 -10.39
C ILE A 137 15.79 -2.88 -9.53
C ILE A 137 16.06 -3.12 -9.05
N HIS A 138 16.18 -2.18 -8.46
N HIS A 138 16.43 -2.41 -7.98
CA HIS A 138 15.66 -2.49 -7.13
CA HIS A 138 15.89 -2.72 -6.66
C HIS A 138 14.17 -2.26 -7.05
C HIS A 138 14.39 -2.47 -6.59
N SER A 139 13.67 -1.16 -7.61
N SER A 139 13.90 -1.41 -7.25
CA SER A 139 12.24 -0.90 -7.58
CA SER A 139 12.47 -1.12 -7.20
C SER A 139 11.46 -2.04 -8.24
C SER A 139 11.65 -2.17 -7.94
N LEU A 140 11.98 -2.59 -9.34
N LEU A 140 12.09 -2.58 -9.15
CA LEU A 140 11.31 -3.71 -9.97
CA LEU A 140 11.37 -3.61 -9.87
C LEU A 140 11.31 -4.95 -9.07
C LEU A 140 11.34 -4.93 -9.10
N ARG A 141 12.44 -5.22 -8.41
CA ARG A 141 12.51 -6.38 -7.54
C ARG A 141 11.48 -6.27 -6.41
N VAL A 142 11.43 -5.11 -5.75
CA VAL A 142 10.44 -4.91 -4.69
C VAL A 142 9.03 -5.06 -5.22
N CYS A 143 8.76 -4.48 -6.40
CA CYS A 143 7.44 -4.62 -7.01
C CYS A 143 7.06 -6.09 -7.14
N VAL A 144 7.92 -6.89 -7.77
CA VAL A 144 7.59 -8.29 -8.04
C VAL A 144 7.41 -9.06 -6.75
N ASP A 145 8.18 -8.72 -5.72
CA ASP A 145 8.15 -9.44 -4.46
C ASP A 145 7.09 -8.90 -3.50
N THR A 146 6.35 -7.85 -3.85
CA THR A 146 5.36 -7.26 -2.96
C THR A 146 3.97 -7.25 -3.55
N VAL A 147 3.84 -6.88 -4.82
CA VAL A 147 2.52 -6.78 -5.45
C VAL A 147 2.06 -8.17 -5.86
N ARG A 148 0.84 -8.50 -5.46
CA ARG A 148 0.20 -9.77 -5.79
C ARG A 148 -0.92 -9.60 -6.79
N THR A 149 -1.43 -8.39 -6.97
CA THR A 149 -2.45 -8.10 -7.96
C THR A 149 -1.77 -7.87 -9.31
N ASN A 150 -2.56 -7.66 -10.35
CA ASN A 150 -2.03 -7.63 -11.71
C ASN A 150 -1.55 -6.22 -12.04
N VAL A 151 -0.24 -6.07 -12.22
CA VAL A 151 0.36 -4.76 -12.44
C VAL A 151 1.04 -4.73 -13.80
N TYR A 152 0.73 -3.67 -14.56
CA TYR A 152 1.28 -3.39 -15.86
C TYR A 152 2.17 -2.17 -15.73
N LEU A 153 3.48 -2.41 -15.77
N LEU A 153 3.47 -2.37 -15.89
CA LEU A 153 4.50 -1.41 -15.52
CA LEU A 153 4.44 -1.29 -15.72
C LEU A 153 4.94 -0.77 -16.83
C LEU A 153 4.73 -0.63 -17.07
N ALA A 154 4.88 0.56 -16.88
N ALA A 154 4.54 0.69 -17.12
CA ALA A 154 5.33 1.35 -18.02
CA ALA A 154 4.92 1.51 -18.27
C ALA A 154 6.65 2.00 -17.66
C ALA A 154 6.23 2.20 -17.94
N VAL A 155 7.67 1.79 -18.50
N VAL A 155 7.30 1.79 -18.63
CA VAL A 155 9.00 2.35 -18.30
CA VAL A 155 8.64 2.34 -18.39
C VAL A 155 9.26 3.28 -19.49
C VAL A 155 8.95 3.31 -19.52
N PHE A 156 9.35 4.57 -19.20
N PHE A 156 9.43 4.50 -19.15
CA PHE A 156 9.47 5.59 -20.25
CA PHE A 156 9.69 5.54 -20.16
C PHE A 156 10.76 5.43 -21.05
C PHE A 156 11.09 5.42 -20.75
N ASP A 157 11.87 5.11 -20.37
N ASP A 157 12.11 5.66 -19.93
CA ASP A 157 13.18 5.11 -21.01
CA ASP A 157 13.47 5.77 -20.45
C ASP A 157 13.45 3.76 -21.65
C ASP A 157 13.87 4.49 -21.16
N LYS A 158 13.68 3.75 -22.97
N LYS A 158 14.20 4.61 -22.45
CA LYS A 158 13.93 2.49 -23.65
CA LYS A 158 14.50 3.43 -23.25
C LYS A 158 15.21 1.84 -23.15
C LYS A 158 15.73 2.70 -22.74
N ASN A 159 16.26 2.63 -22.96
N ASN A 159 16.79 3.46 -22.40
CA ASN A 159 17.51 2.07 -22.45
CA ASN A 159 18.00 2.82 -21.88
C ASN A 159 17.31 1.46 -21.06
C ASN A 159 17.74 2.13 -20.56
N LEU A 160 16.53 2.13 -20.20
N LEU A 160 16.93 2.74 -19.69
CA LEU A 160 16.26 1.55 -18.90
CA LEU A 160 16.56 2.11 -18.43
C LEU A 160 15.42 0.28 -19.02
C LEU A 160 15.78 0.83 -18.68
N TYR A 161 14.41 0.31 -19.90
N TYR A 161 14.81 0.88 -19.59
CA TYR A 161 13.58 -0.87 -20.10
CA TYR A 161 14.00 -0.31 -19.88
C TYR A 161 14.42 -2.08 -20.49
C TYR A 161 14.87 -1.46 -20.35
N ASP A 162 15.32 -1.92 -21.45
N ASP A 162 15.72 -1.21 -21.34
CA ASP A 162 16.14 -3.04 -21.88
CA ASP A 162 16.61 -2.27 -21.83
C ASP A 162 17.02 -3.55 -20.74
C ASP A 162 17.46 -2.83 -20.70
N LYS A 163 17.54 -2.64 -19.91
N LYS A 163 17.98 -1.96 -19.84
CA LYS A 163 18.33 -3.05 -18.77
CA LYS A 163 18.79 -2.41 -18.71
C LYS A 163 17.49 -3.80 -17.75
C LYS A 163 17.97 -3.27 -17.74
N LEU A 164 16.26 -3.32 -17.50
N LEU A 164 16.74 -2.84 -17.44
CA LEU A 164 15.38 -3.99 -16.54
CA LEU A 164 15.92 -3.59 -16.49
C LEU A 164 15.06 -5.41 -17.01
C LEU A 164 15.58 -4.97 -17.03
N VAL A 165 14.73 -5.57 -18.28
N VAL A 165 15.21 -5.03 -18.31
CA VAL A 165 14.42 -6.89 -18.81
CA VAL A 165 14.83 -6.32 -18.89
C VAL A 165 15.65 -7.78 -18.74
C VAL A 165 16.04 -7.25 -18.99
N SER A 166 16.79 -7.27 -19.22
N SER A 166 17.22 -6.70 -19.24
CA SER A 166 17.98 -8.11 -19.36
CA SER A 166 18.39 -7.53 -19.50
C SER A 166 18.57 -8.52 -18.02
C SER A 166 19.08 -7.97 -18.21
N SER A 167 18.29 -7.76 -16.96
N SER A 167 18.95 -7.22 -17.12
CA SER A 167 18.85 -8.04 -15.64
CA SER A 167 19.65 -7.53 -15.88
C SER A 167 17.84 -8.69 -14.71
C SER A 167 18.73 -8.16 -14.83
N PHE A 168 16.64 -8.97 -15.17
N PHE A 168 17.51 -8.51 -15.19
CA PHE A 168 15.59 -9.48 -14.28
CA PHE A 168 16.54 -8.98 -14.22
C PHE A 168 15.85 -10.95 -13.95
C PHE A 168 16.98 -10.32 -13.62
N LEU A 169 15.86 -11.25 -12.64
N LEU A 169 17.05 -10.36 -12.29
CA LEU A 169 16.04 -12.63 -12.20
CA LEU A 169 17.40 -11.58 -11.56
C LEU A 169 14.68 -13.29 -12.05
C LEU A 169 16.12 -12.25 -11.06
N SER B 1 3.19 13.36 29.42
N SER B 1 3.31 13.32 29.21
CA SER B 1 2.15 12.30 29.39
CA SER B 1 2.26 12.28 29.27
C SER B 1 2.70 11.02 28.79
C SER B 1 2.79 10.96 28.72
N MET B 2 2.08 9.90 29.17
N MET B 2 2.11 9.89 29.09
CA MET B 2 2.49 8.58 28.73
CA MET B 2 2.52 8.53 28.74
C MET B 2 1.54 8.11 27.64
C MET B 2 1.58 7.98 27.67
N VAL B 3 2.09 7.82 26.46
CA VAL B 3 1.35 7.19 25.37
C VAL B 3 2.18 6.01 24.89
N ASN B 4 1.51 5.04 24.29
CA ASN B 4 2.17 3.84 23.78
C ASN B 4 3.05 3.20 24.84
N SER B 5 2.53 3.11 26.07
N SER B 5 2.53 3.11 26.07
CA SER B 5 3.28 2.52 27.19
CA SER B 5 3.27 2.52 27.18
C SER B 5 2.86 1.06 27.37
C SER B 5 2.85 1.06 27.36
N PHE B 6 3.32 0.24 26.43
CA PHE B 6 3.05 -1.19 26.46
C PHE B 6 3.94 -1.86 27.48
N SER B 7 3.36 -2.76 28.29
N SER B 7 3.37 -2.75 28.29
CA SER B 7 4.11 -3.47 29.31
CA SER B 7 4.11 -3.46 29.32
C SER B 7 3.60 -4.91 29.41
C SER B 7 3.58 -4.88 29.45
N GLY B 8 4.52 -5.81 29.74
N GLY B 8 4.50 -5.81 29.74
CA GLY B 8 4.17 -7.20 29.91
CA GLY B 8 4.13 -7.20 29.91
C GLY B 8 4.02 -7.99 28.64
C GLY B 8 3.98 -7.98 28.62
N TYR B 9 4.52 -7.49 27.52
CA TYR B 9 4.43 -8.19 26.25
C TYR B 9 5.61 -9.12 26.04
N LEU B 10 5.33 -10.25 25.40
CA LEU B 10 6.36 -11.22 25.03
C LEU B 10 6.80 -10.93 23.59
N LYS B 11 8.10 -10.84 23.40
N LYS B 11 8.11 -10.87 23.40
CA LYS B 11 8.67 -10.58 22.08
CA LYS B 11 8.68 -10.58 22.07
C LYS B 11 8.64 -11.88 21.26
C LYS B 11 8.68 -11.85 21.24
N LEU B 12 7.99 -11.83 20.09
CA LEU B 12 8.01 -12.94 19.14
C LEU B 12 9.04 -12.73 18.05
N THR B 13 9.05 -11.54 17.44
CA THR B 13 10.06 -11.13 16.47
C THR B 13 10.50 -9.73 16.84
N ASP B 14 11.40 -9.18 16.01
CA ASP B 14 11.90 -7.83 16.29
C ASP B 14 10.79 -6.79 16.34
N ASN B 15 9.65 -7.04 15.69
CA ASN B 15 8.59 -6.05 15.64
C ASN B 15 7.22 -6.55 16.06
N VAL B 16 7.07 -7.82 16.47
CA VAL B 16 5.78 -8.37 16.85
C VAL B 16 5.87 -8.86 18.30
N TYR B 17 4.95 -8.36 19.12
CA TYR B 17 4.87 -8.64 20.55
C TYR B 17 3.47 -9.15 20.86
N ILE B 18 3.33 -9.93 21.95
CA ILE B 18 2.04 -10.53 22.26
C ILE B 18 1.81 -10.57 23.78
N LYS B 19 0.55 -10.42 24.17
CA LYS B 19 0.19 -10.42 25.59
C LYS B 19 -1.18 -11.05 25.76
N ASN B 20 -1.36 -11.77 26.87
CA ASN B 20 -2.67 -12.27 27.25
C ASN B 20 -3.39 -11.12 27.96
N ALA B 21 -4.33 -10.48 27.26
CA ALA B 21 -4.98 -9.31 27.83
C ALA B 21 -6.25 -9.01 27.06
N ASP B 22 -7.13 -8.25 27.72
CA ASP B 22 -8.35 -7.69 27.16
C ASP B 22 -7.97 -6.41 26.43
N ILE B 23 -8.20 -6.36 25.12
CA ILE B 23 -7.71 -5.24 24.30
C ILE B 23 -8.33 -3.91 24.73
N VAL B 24 -9.55 -3.91 25.25
CA VAL B 24 -10.15 -2.67 25.75
C VAL B 24 -9.41 -2.17 26.98
N GLU B 25 -9.18 -3.07 27.94
CA GLU B 25 -8.42 -2.70 29.13
C GLU B 25 -7.01 -2.27 28.76
N GLU B 26 -6.40 -2.96 27.80
N GLU B 26 -6.40 -2.97 27.81
CA GLU B 26 -5.07 -2.59 27.34
CA GLU B 26 -5.07 -2.60 27.34
C GLU B 26 -5.08 -1.20 26.73
C GLU B 26 -5.08 -1.20 26.74
N ALA B 27 -6.04 -0.92 25.86
CA ALA B 27 -6.11 0.40 25.24
C ALA B 27 -6.19 1.50 26.30
N LYS B 28 -7.03 1.30 27.32
CA LYS B 28 -7.18 2.32 28.34
C LYS B 28 -5.91 2.53 29.15
N LYS B 29 -5.11 1.48 29.33
CA LYS B 29 -3.88 1.56 30.11
C LYS B 29 -2.72 2.09 29.29
N VAL B 30 -2.54 1.57 28.07
CA VAL B 30 -1.37 1.86 27.24
C VAL B 30 -1.48 3.22 26.58
N LYS B 31 -2.69 3.70 26.36
N LYS B 31 -2.70 3.70 26.36
CA LYS B 31 -2.94 4.94 25.63
CA LYS B 31 -2.95 4.93 25.63
C LYS B 31 -2.26 4.93 24.26
C LYS B 31 -2.26 4.92 24.27
N PRO B 32 -2.61 3.99 23.39
CA PRO B 32 -1.92 3.88 22.11
C PRO B 32 -2.35 4.95 21.12
N THR B 33 -1.41 5.30 20.23
CA THR B 33 -1.77 6.13 19.09
C THR B 33 -2.83 5.47 18.23
N VAL B 34 -2.73 4.15 18.04
CA VAL B 34 -3.62 3.41 17.15
C VAL B 34 -4.05 2.14 17.83
N VAL B 35 -5.37 1.93 17.92
CA VAL B 35 -5.94 0.61 18.20
C VAL B 35 -6.60 0.10 16.93
N VAL B 36 -6.36 -1.17 16.62
CA VAL B 36 -6.95 -1.80 15.46
C VAL B 36 -8.28 -2.44 15.85
N ASN B 37 -9.30 -2.20 15.03
CA ASN B 37 -10.56 -2.91 15.15
C ASN B 37 -10.65 -4.00 14.09
N ALA B 38 -11.17 -5.15 14.51
CA ALA B 38 -11.53 -6.26 13.62
C ALA B 38 -12.88 -5.95 12.98
N ALA B 39 -12.85 -5.12 11.94
CA ALA B 39 -14.04 -4.56 11.32
C ALA B 39 -14.58 -5.44 10.20
N ASN B 40 -15.81 -5.14 9.80
CA ASN B 40 -16.39 -5.64 8.56
C ASN B 40 -16.62 -4.47 7.62
N VAL B 41 -17.00 -4.78 6.37
CA VAL B 41 -16.97 -3.76 5.32
C VAL B 41 -17.98 -2.63 5.58
N TYR B 42 -19.06 -2.88 6.29
CA TYR B 42 -20.02 -1.83 6.61
C TYR B 42 -19.81 -1.23 7.99
N LEU B 43 -18.72 -1.57 8.65
CA LEU B 43 -18.40 -1.00 9.97
C LEU B 43 -19.57 -1.17 10.93
N LYS B 44 -20.18 -2.36 10.93
CA LYS B 44 -21.26 -2.69 11.87
C LYS B 44 -20.60 -3.49 12.99
N HIS B 45 -20.47 -2.84 14.15
CA HIS B 45 -19.64 -3.35 15.24
C HIS B 45 -20.48 -4.16 16.21
N GLY B 46 -20.85 -5.36 15.76
CA GLY B 46 -21.78 -6.19 16.52
C GLY B 46 -21.13 -7.06 17.57
N GLY B 47 -20.18 -7.90 17.16
CA GLY B 47 -19.68 -8.95 18.02
C GLY B 47 -18.16 -8.90 18.14
N GLY B 48 -17.65 -9.83 18.96
CA GLY B 48 -16.21 -9.97 19.11
C GLY B 48 -15.55 -8.65 19.47
N VAL B 49 -14.36 -8.44 18.91
CA VAL B 49 -13.56 -7.25 19.21
C VAL B 49 -14.34 -5.98 18.90
N ALA B 50 -14.97 -5.93 17.73
CA ALA B 50 -15.64 -4.70 17.32
C ALA B 50 -16.76 -4.34 18.29
N GLY B 51 -17.55 -5.33 18.69
CA GLY B 51 -18.59 -5.04 19.66
C GLY B 51 -18.04 -4.52 20.98
N ALA B 52 -16.93 -5.10 21.44
CA ALA B 52 -16.33 -4.65 22.69
C ALA B 52 -15.78 -3.23 22.58
N LEU B 53 -15.07 -2.93 21.49
CA LEU B 53 -14.55 -1.59 21.32
C LEU B 53 -15.69 -0.58 21.25
N ASN B 54 -16.71 -0.88 20.45
CA ASN B 54 -17.81 0.07 20.33
C ASN B 54 -18.51 0.29 21.66
N LYS B 55 -18.76 -0.79 22.40
CA LYS B 55 -19.39 -0.66 23.70
C LYS B 55 -18.57 0.24 24.62
N ALA B 56 -17.25 0.09 24.60
CA ALA B 56 -16.40 0.93 25.44
C ALA B 56 -16.56 2.41 25.11
N THR B 57 -16.86 2.72 23.85
CA THR B 57 -17.07 4.10 23.43
C THR B 57 -18.51 4.57 23.65
N ASN B 58 -19.34 3.76 24.32
CA ASN B 58 -20.74 4.12 24.52
C ASN B 58 -21.44 4.40 23.20
N ASN B 59 -21.11 3.60 22.17
CA ASN B 59 -21.72 3.62 20.85
C ASN B 59 -21.24 4.79 19.99
N ALA B 60 -20.34 5.65 20.49
CA ALA B 60 -19.87 6.75 19.66
C ALA B 60 -19.14 6.25 18.42
N MET B 61 -18.43 5.12 18.54
CA MET B 61 -17.77 4.55 17.38
C MET B 61 -18.78 4.16 16.31
N GLN B 62 -19.91 3.57 16.70
CA GLN B 62 -20.90 3.15 15.71
C GLN B 62 -21.53 4.34 15.02
N VAL B 63 -21.85 5.41 15.77
CA VAL B 63 -22.43 6.60 15.15
C VAL B 63 -21.46 7.19 14.14
N GLU B 64 -20.19 7.31 14.53
CA GLU B 64 -19.18 7.85 13.63
C GLU B 64 -19.01 6.96 12.41
N SER B 65 -19.05 5.65 12.62
CA SER B 65 -18.89 4.71 11.53
C SER B 65 -20.04 4.78 10.53
N ASP B 66 -21.28 4.88 11.02
CA ASP B 66 -22.41 4.99 10.11
C ASP B 66 -22.31 6.25 9.26
N ASP B 67 -21.86 7.36 9.85
CA ASP B 67 -21.65 8.57 9.06
C ASP B 67 -20.55 8.38 8.02
N TYR B 68 -19.46 7.70 8.39
CA TYR B 68 -18.41 7.42 7.42
C TYR B 68 -18.95 6.63 6.23
N ILE B 69 -19.78 5.61 6.51
CA ILE B 69 -20.33 4.77 5.45
C ILE B 69 -21.27 5.56 4.56
N ALA B 70 -22.09 6.43 5.15
CA ALA B 70 -22.98 7.26 4.35
C ALA B 70 -22.20 8.09 3.35
N THR B 71 -21.05 8.62 3.75
CA THR B 71 -20.27 9.48 2.87
C THR B 71 -19.42 8.69 1.88
N ASN B 72 -18.89 7.53 2.28
CA ASN B 72 -17.84 6.85 1.54
C ASN B 72 -18.22 5.48 1.00
N GLY B 73 -19.32 4.87 1.47
CA GLY B 73 -19.64 3.53 1.09
C GLY B 73 -18.78 2.52 1.83
N PRO B 74 -19.04 1.24 1.61
CA PRO B 74 -18.35 0.19 2.36
C PRO B 74 -16.88 0.08 1.97
N LEU B 75 -16.11 -0.46 2.91
CA LEU B 75 -14.72 -0.81 2.67
C LEU B 75 -14.65 -2.06 1.78
N LYS B 76 -13.43 -2.37 1.34
CA LYS B 76 -13.12 -3.63 0.68
C LYS B 76 -12.59 -4.61 1.72
N VAL B 77 -12.88 -5.91 1.55
CA VAL B 77 -12.18 -6.91 2.34
C VAL B 77 -10.69 -6.79 2.04
N GLY B 78 -9.89 -6.72 3.09
CA GLY B 78 -8.47 -6.44 2.98
C GLY B 78 -8.12 -4.97 3.13
N GLY B 79 -9.11 -4.08 3.18
CA GLY B 79 -8.88 -2.66 3.32
C GLY B 79 -9.08 -2.15 4.74
N SER B 80 -8.98 -0.83 4.87
CA SER B 80 -9.05 -0.20 6.17
C SER B 80 -9.47 1.26 6.04
N CYS B 81 -9.86 1.85 7.17
CA CYS B 81 -9.98 3.29 7.28
C CYS B 81 -9.55 3.72 8.68
N VAL B 82 -9.11 4.97 8.79
CA VAL B 82 -8.73 5.56 10.06
C VAL B 82 -9.88 6.45 10.54
N LEU B 83 -10.37 6.16 11.74
CA LEU B 83 -11.38 6.99 12.41
C LEU B 83 -10.88 7.35 13.80
N SER B 84 -11.71 8.06 14.57
CA SER B 84 -11.30 8.42 15.92
C SER B 84 -11.15 7.18 16.80
N GLY B 85 -10.23 7.28 17.76
CA GLY B 85 -10.12 6.27 18.80
C GLY B 85 -10.91 6.56 20.05
N HIS B 86 -11.64 7.67 20.14
CA HIS B 86 -12.58 7.93 21.24
C HIS B 86 -11.83 7.85 22.57
N ASN B 87 -12.30 7.06 23.54
CA ASN B 87 -11.66 6.91 24.84
C ASN B 87 -10.64 5.78 24.85
N LEU B 88 -10.28 5.24 23.68
CA LEU B 88 -9.39 4.08 23.58
C LEU B 88 -8.02 4.40 23.02
N ALA B 89 -7.91 5.39 22.15
CA ALA B 89 -6.69 5.62 21.41
C ALA B 89 -6.84 6.95 20.70
N LYS B 90 -5.74 7.46 20.15
CA LYS B 90 -5.87 8.63 19.29
C LYS B 90 -6.73 8.29 18.08
N HIS B 91 -6.41 7.17 17.43
CA HIS B 91 -7.08 6.71 16.23
C HIS B 91 -7.49 5.26 16.38
N CYS B 92 -8.58 4.89 15.72
CA CYS B 92 -8.91 3.49 15.49
C CYS B 92 -8.72 3.19 14.01
N LEU B 93 -7.86 2.20 13.72
CA LEU B 93 -7.69 1.69 12.38
C LEU B 93 -8.63 0.51 12.21
N HIS B 94 -9.71 0.71 11.45
CA HIS B 94 -10.69 -0.34 11.19
C HIS B 94 -10.17 -1.15 10.03
N VAL B 95 -9.81 -2.42 10.26
CA VAL B 95 -9.21 -3.27 9.23
C VAL B 95 -10.14 -4.45 8.99
N VAL B 96 -10.42 -4.73 7.73
CA VAL B 96 -11.32 -5.83 7.37
C VAL B 96 -10.49 -7.04 6.93
N GLY B 97 -10.38 -8.03 7.81
CA GLY B 97 -9.84 -9.32 7.41
C GLY B 97 -10.92 -10.16 6.79
N PRO B 98 -10.53 -11.19 6.02
CA PRO B 98 -11.53 -12.11 5.48
C PRO B 98 -12.21 -12.89 6.59
N ASN B 99 -13.52 -13.06 6.43
CA ASN B 99 -14.33 -13.85 7.36
C ASN B 99 -14.54 -15.23 6.74
N VAL B 100 -13.82 -16.22 7.24
N VAL B 100 -13.81 -16.22 7.24
CA VAL B 100 -13.95 -17.58 6.69
CA VAL B 100 -13.93 -17.59 6.73
C VAL B 100 -15.33 -18.16 6.99
C VAL B 100 -15.31 -18.16 7.00
N ASN B 101 -15.96 -17.75 8.09
CA ASN B 101 -17.32 -18.18 8.37
C ASN B 101 -18.31 -17.66 7.35
N LYS B 102 -17.93 -16.68 6.54
N LYS B 102 -17.92 -16.68 6.54
CA LYS B 102 -18.77 -16.16 5.46
CA LYS B 102 -18.73 -16.19 5.43
C LYS B 102 -18.23 -16.53 4.09
C LYS B 102 -18.16 -16.61 4.07
N GLY B 103 -17.29 -17.48 4.02
N GLY B 103 -17.21 -17.53 4.05
CA GLY B 103 -16.77 -17.96 2.76
CA GLY B 103 -16.66 -18.04 2.81
C GLY B 103 -15.78 -17.05 2.08
C GLY B 103 -15.67 -17.14 2.12
N GLU B 104 -15.22 -16.07 2.78
CA GLU B 104 -14.28 -15.14 2.15
C GLU B 104 -12.89 -15.75 2.07
N ASP B 105 -12.14 -15.31 1.06
N ASP B 105 -12.13 -15.31 1.06
CA ASP B 105 -10.87 -15.95 0.74
CA ASP B 105 -10.86 -15.94 0.73
C ASP B 105 -9.82 -15.61 1.78
C ASP B 105 -9.82 -15.62 1.79
N ILE B 106 -9.35 -16.64 2.50
N ILE B 106 -9.29 -16.66 2.43
CA ILE B 106 -8.30 -16.46 3.50
CA ILE B 106 -8.26 -16.48 3.45
C ILE B 106 -7.05 -15.82 2.90
C ILE B 106 -7.01 -15.83 2.87
N GLN B 107 -6.87 -15.93 1.58
N GLN B 107 -6.80 -15.94 1.56
CA GLN B 107 -5.71 -15.33 0.94
CA GLN B 107 -5.65 -15.29 0.93
C GLN B 107 -5.66 -13.81 1.13
C GLN B 107 -5.64 -13.79 1.14
N LEU B 108 -6.80 -13.17 1.39
CA LEU B 108 -6.86 -11.72 1.60
C LEU B 108 -6.33 -11.27 2.96
N LEU B 109 -5.94 -12.21 3.82
CA LEU B 109 -5.43 -11.84 5.13
C LEU B 109 -4.12 -11.08 5.02
N LYS B 110 -3.27 -11.41 4.05
CA LYS B 110 -2.02 -10.67 3.92
C LYS B 110 -2.29 -9.20 3.57
N SER B 111 -3.18 -8.96 2.61
CA SER B 111 -3.55 -7.58 2.28
C SER B 111 -4.07 -6.84 3.50
N ALA B 112 -4.88 -7.51 4.31
CA ALA B 112 -5.41 -6.87 5.51
C ALA B 112 -4.29 -6.44 6.46
N TYR B 113 -3.33 -7.34 6.70
CA TYR B 113 -2.22 -6.99 7.57
C TYR B 113 -1.34 -5.89 6.99
N GLU B 114 -1.26 -5.77 5.66
CA GLU B 114 -0.44 -4.71 5.08
C GLU B 114 -0.87 -3.33 5.54
N ASN B 115 -2.15 -3.17 5.90
CA ASN B 115 -2.60 -1.86 6.41
C ASN B 115 -1.82 -1.45 7.64
N PHE B 116 -1.36 -2.42 8.45
CA PHE B 116 -0.65 -2.08 9.67
C PHE B 116 0.65 -1.33 9.36
N ASN B 117 1.25 -1.58 8.19
CA ASN B 117 2.55 -0.97 7.87
C ASN B 117 2.46 0.53 7.67
N GLN B 118 1.27 1.09 7.61
CA GLN B 118 1.10 2.54 7.51
C GLN B 118 1.15 3.23 8.87
N HIS B 119 1.40 2.50 9.94
CA HIS B 119 1.43 3.06 11.30
C HIS B 119 2.64 2.52 12.03
N GLU B 120 3.40 3.39 12.69
N GLU B 120 3.40 3.39 12.69
CA GLU B 120 4.67 2.97 13.28
CA GLU B 120 4.67 2.96 13.27
C GLU B 120 4.48 2.01 14.45
C GLU B 120 4.48 2.01 14.45
N VAL B 121 3.39 2.16 15.21
CA VAL B 121 3.11 1.29 16.35
C VAL B 121 1.60 1.17 16.51
N LEU B 122 1.14 -0.05 16.77
CA LEU B 122 -0.29 -0.34 16.90
C LEU B 122 -0.54 -1.35 18.02
N LEU B 123 -1.68 -1.19 18.69
CA LEU B 123 -2.29 -2.22 19.54
C LEU B 123 -3.34 -2.93 18.70
N ALA B 124 -3.29 -4.27 18.63
CA ALA B 124 -4.14 -4.94 17.66
C ALA B 124 -4.59 -6.30 18.15
N PRO B 125 -5.71 -6.79 17.63
CA PRO B 125 -6.07 -8.20 17.73
C PRO B 125 -5.51 -8.95 16.52
N LEU B 126 -5.54 -10.28 16.60
CA LEU B 126 -5.22 -11.10 15.44
C LEU B 126 -6.35 -11.03 14.42
N LEU B 127 -6.02 -10.61 13.20
CA LEU B 127 -7.03 -10.44 12.18
C LEU B 127 -7.60 -11.78 11.74
N SER B 128 -8.89 -11.78 11.45
CA SER B 128 -9.63 -12.93 10.97
C SER B 128 -9.77 -14.03 12.01
N ALA B 129 -9.31 -13.81 13.25
CA ALA B 129 -9.47 -14.79 14.31
C ALA B 129 -10.86 -14.73 14.89
N GLY B 130 -11.12 -15.65 15.81
CA GLY B 130 -12.34 -15.58 16.61
C GLY B 130 -13.56 -15.78 15.76
N ILE B 131 -14.50 -14.82 15.87
CA ILE B 131 -15.75 -14.91 15.15
C ILE B 131 -15.56 -14.86 13.64
N PHE B 132 -14.37 -14.45 13.16
CA PHE B 132 -14.09 -14.47 11.73
C PHE B 132 -13.64 -15.83 11.21
N GLY B 133 -13.30 -16.78 12.09
CA GLY B 133 -13.19 -18.19 11.70
C GLY B 133 -11.85 -18.67 11.18
N ALA B 134 -10.85 -17.82 11.03
CA ALA B 134 -9.56 -18.31 10.57
C ALA B 134 -8.78 -18.96 11.71
N ASP B 135 -7.80 -19.78 11.34
CA ASP B 135 -6.91 -20.38 12.33
C ASP B 135 -6.05 -19.27 12.93
N PRO B 136 -6.14 -19.01 14.24
CA PRO B 136 -5.32 -17.95 14.81
C PRO B 136 -3.82 -18.19 14.66
N ILE B 137 -3.39 -19.45 14.64
CA ILE B 137 -1.97 -19.75 14.40
C ILE B 137 -1.57 -19.23 13.03
N HIS B 138 -2.42 -19.43 12.03
CA HIS B 138 -2.14 -18.89 10.70
C HIS B 138 -2.17 -17.37 10.70
N SER B 139 -3.14 -16.77 11.40
CA SER B 139 -3.18 -15.31 11.44
C SER B 139 -1.90 -14.75 12.03
N LEU B 140 -1.38 -15.38 13.08
CA LEU B 140 -0.12 -14.92 13.66
C LEU B 140 1.02 -15.07 12.67
N ARG B 141 1.04 -16.17 11.93
CA ARG B 141 2.03 -16.39 10.89
C ARG B 141 2.01 -15.26 9.86
N VAL B 142 0.82 -14.96 9.34
CA VAL B 142 0.73 -13.91 8.34
C VAL B 142 1.14 -12.57 8.93
N CYS B 143 0.73 -12.31 10.18
CA CYS B 143 1.15 -11.08 10.84
C CYS B 143 2.66 -10.95 10.84
N VAL B 144 3.36 -11.96 11.35
CA VAL B 144 4.82 -11.88 11.46
C VAL B 144 5.48 -11.76 10.10
N ASP B 145 4.90 -12.38 9.08
CA ASP B 145 5.50 -12.38 7.75
C ASP B 145 5.11 -11.16 6.92
N THR B 146 4.23 -10.30 7.43
CA THR B 146 3.72 -9.17 6.66
C THR B 146 3.96 -7.83 7.33
N VAL B 147 3.73 -7.74 8.63
CA VAL B 147 3.85 -6.48 9.34
C VAL B 147 5.31 -6.25 9.66
N ARG B 148 5.80 -5.05 9.35
CA ARG B 148 7.15 -4.62 9.64
C ARG B 148 7.22 -3.53 10.69
N THR B 149 6.10 -2.84 10.94
CA THR B 149 6.02 -1.85 12.01
C THR B 149 5.75 -2.57 13.33
N ASN B 150 5.72 -1.83 14.42
CA ASN B 150 5.67 -2.43 15.74
C ASN B 150 4.23 -2.74 16.13
N VAL B 151 3.90 -4.02 16.25
CA VAL B 151 2.54 -4.45 16.55
C VAL B 151 2.52 -5.21 17.87
N TYR B 152 1.62 -4.77 18.74
CA TYR B 152 1.40 -5.32 20.07
C TYR B 152 0.04 -6.03 20.04
N LEU B 153 0.07 -7.36 20.04
CA LEU B 153 -1.12 -8.18 19.91
C LEU B 153 -1.68 -8.52 21.27
N ALA B 154 -2.99 -8.31 21.43
CA ALA B 154 -3.71 -8.67 22.64
C ALA B 154 -4.56 -9.90 22.36
N VAL B 155 -4.37 -10.93 23.16
CA VAL B 155 -5.11 -12.18 23.05
C VAL B 155 -5.83 -12.40 24.37
N PHE B 156 -7.17 -12.43 24.31
CA PHE B 156 -7.98 -12.45 25.53
C PHE B 156 -7.88 -13.77 26.29
N ASP B 157 -8.01 -14.89 25.58
CA ASP B 157 -8.07 -16.20 26.25
C ASP B 157 -6.67 -16.71 26.54
N LYS B 158 -6.34 -16.90 27.83
CA LYS B 158 -5.05 -17.46 28.21
C LYS B 158 -4.73 -18.76 27.47
N ASN B 159 -5.73 -19.61 27.26
CA ASN B 159 -5.46 -20.90 26.62
C ASN B 159 -5.10 -20.72 25.15
N LEU B 160 -5.71 -19.76 24.46
CA LEU B 160 -5.31 -19.47 23.09
C LEU B 160 -3.95 -18.81 23.06
N TYR B 161 -3.70 -17.87 23.97
CA TYR B 161 -2.39 -17.27 24.08
C TYR B 161 -1.31 -18.35 24.20
N ASP B 162 -1.51 -19.31 25.09
CA ASP B 162 -0.53 -20.37 25.29
C ASP B 162 -0.33 -21.19 24.03
N LYS B 163 -1.42 -21.50 23.32
CA LYS B 163 -1.31 -22.25 22.07
C LYS B 163 -0.51 -21.47 21.03
N LEU B 164 -0.75 -20.17 20.93
CA LEU B 164 -0.05 -19.32 19.98
C LEU B 164 1.43 -19.22 20.30
N VAL B 165 1.77 -18.96 21.57
CA VAL B 165 3.17 -18.79 21.95
C VAL B 165 3.90 -20.11 21.85
N SER B 166 3.30 -21.17 22.38
CA SER B 166 4.00 -22.45 22.47
C SER B 166 4.24 -23.04 21.09
N SER B 167 3.40 -22.76 20.11
CA SER B 167 3.55 -23.30 18.76
C SER B 167 4.29 -22.37 17.81
N PHE B 168 4.62 -21.14 18.22
CA PHE B 168 5.24 -20.20 17.29
C PHE B 168 6.66 -20.64 16.91
N LEU B 169 7.36 -21.25 17.86
CA LEU B 169 8.75 -21.65 17.68
C LEU B 169 9.10 -22.89 18.50
N2 A1CJE C . 5.63 7.43 -18.38
C3 A1CJE C . 6.07 10.95 -18.70
C6 A1CJE C . 7.69 8.33 -16.69
C9 A1CJE C . 11.39 6.25 -14.64
C12 A1CJE C . 10.54 9.12 -12.43
C14 A1CJE C . 9.53 8.39 -10.34
C17 A1CJE C . 7.03 9.30 -17.50
C1 A1CJE C . 7.91 11.82 -17.21
C10 A1CJE C . 11.34 5.79 -16.11
C11 A1CJE C . 10.24 7.87 -13.01
C13 A1CJE C . 10.19 9.38 -11.10
C15 A1CJE C . 9.22 7.16 -10.91
C16 A1CJE C . 9.57 6.89 -12.24
C2 A1CJE C . 7.04 10.72 -17.77
C4 A1CJE C . 6.00 8.74 -18.31
C5 A1CJE C . 6.34 6.65 -17.58
C7 A1CJE C . 8.82 8.63 -15.76
C8 A1CJE C . 10.62 7.58 -14.45
N1 A1CJE C . 5.44 9.77 -19.02
N3 A1CJE C . 7.33 7.03 -16.76
N4 A1CJE C . 9.48 7.54 -15.35
O1 A1CJE C . 9.09 9.77 -15.40
O2 A1CJE C . 12.14 6.33 -16.90
O3 A1CJE C . 10.48 4.93 -16.40
BR1 A1CJE C . 9.05 8.72 -8.54
H4 A1CJE C . 5.75 11.87 -19.17
H9 A1CJE C . 10.98 5.46 -14.02
H10 A1CJE C . 12.44 6.36 -14.38
H11 A1CJE C . 11.05 9.87 -13.01
H2 A1CJE C . 8.92 11.47 -17.02
H3 A1CJE C . 7.51 12.19 -16.28
H1 A1CJE C . 7.99 12.67 -17.90
H12 A1CJE C . 10.43 10.35 -10.66
H13 A1CJE C . 8.72 6.40 -10.33
H14 A1CJE C . 9.33 5.92 -12.68
H6 A1CJE C . 6.10 5.60 -17.59
H8 A1CJE C . 11.27 8.39 -14.81
H5 A1CJE C . 4.69 9.70 -19.68
H7 A1CJE C . 9.19 6.63 -15.70
O1 A1CJF D . 9.04 7.11 -14.79
C1 A1CJF D . 6.99 6.62 -17.16
C2 A1CJF D . 7.00 8.10 -17.39
C3 A1CJF D . 6.10 8.77 -18.19
C4 A1CJF D . 7.48 10.37 -17.38
C5 A1CJF D . 9.08 11.50 -16.34
C6 A1CJF D . 9.04 9.18 -16.00
C7 A1CJF D . 9.69 8.00 -15.32
C8 A1CJF D . 12.03 7.11 -14.84
C10 A1CJF D . 11.01 5.35 -16.39
C11 A1CJF D . 13.39 7.29 -15.51
C12 A1CJF D . 13.52 8.15 -16.62
C13 A1CJF D . 14.76 8.33 -17.25
C14 A1CJF D . 15.91 7.63 -16.80
C15 A1CJF D . 15.78 6.78 -15.69
C16 A1CJF D . 14.54 6.59 -15.05
C17 A1CJF D . 7.90 9.10 -16.86
C9 A1CJF D . 11.61 5.63 -15.00
N1 A1CJF D . 6.38 10.12 -18.18
N2 A1CJF D . 8.04 11.58 -17.15
N3 A1CJF D . 9.59 10.41 -15.76
N4 A1CJF D . 11.03 8.06 -15.37
O2 A1CJF D . 9.93 4.72 -16.46
O3 A1CJF D . 11.62 5.79 -17.38
BR1 A1CJF D . 17.58 7.87 -17.68
H3 A1CJF D . 6.97 6.39 -16.10
H1 A1CJF D . 7.88 6.15 -17.58
H2 A1CJF D . 6.12 6.15 -17.62
H4 A1CJF D . 5.27 8.37 -18.77
H6 A1CJF D . 9.57 12.43 -16.11
H8 A1CJF D . 12.15 7.31 -13.76
H11 A1CJF D . 12.66 8.69 -16.98
H12 A1CJF D . 14.84 8.99 -18.10
H13 A1CJF D . 16.64 6.23 -15.32
H14 A1CJF D . 14.47 5.93 -14.20
H10 A1CJF D . 10.87 5.37 -14.25
H9 A1CJF D . 12.47 4.97 -14.83
H5 A1CJF D . 5.85 10.80 -18.71
H7 A1CJF D . 11.40 8.85 -15.85
#